data_5NN2
#
_entry.id   5NN2
#
_cell.length_a   33.360
_cell.length_b   93.380
_cell.length_c   35.900
_cell.angle_alpha   90.00
_cell.angle_beta   100.72
_cell.angle_gamma   90.00
#
_symmetry.space_group_name_H-M   'P 1 21 1'
#
loop_
_entity.id
_entity.type
_entity.pdbx_description
1 polymer 'Serine/threonine-protein kinase PLK1'
2 non-polymer '(3~{R},5~{R})-1-[2,4-bis(fluoranyl)phenyl]-5-oxidanyl-pyrrolidine-3-carboxylic acid'
3 water water
#
_entity_poly.entity_id   1
_entity_poly.type   'polypeptide(L)'
_entity_poly.pdbx_seq_one_letter_code
;GPLGSPEFDCHLSDMLQQLHSVNASKPSERGLVRQEEAEDPACIPIFWVSKWVDYSDKYGLGYQLCDNSVGVLFNDSTRL
ILYNDGDSLQYIERDGTESYLTVSSHPNSLMKKITLLKYFRNYMSEHLLKAGANITPREGDELARLPYLRTWFRTRSAII
LHLSNGSVQINFFQDHTKLILCPLMAAVTYIDEKRDFRTYRLSLLEEYGCCKELASRLRYARTMVDKLLSSR
;
_entity_poly.pdbx_strand_id   A
#
loop_
_chem_comp.id
_chem_comp.type
_chem_comp.name
_chem_comp.formula
Z24 non-polymer '(3~{R},5~{R})-1-[2,4-bis(fluoranyl)phenyl]-5-oxidanyl-pyrrolidine-3-carboxylic acid' 'C11 H11 F2 N O3'
#
# COMPACT_ATOMS: atom_id res chain seq x y z
N GLU A 7 -7.02 10.55 18.51
CA GLU A 7 -6.27 10.82 17.28
C GLU A 7 -6.64 9.85 16.19
N PHE A 8 -7.28 10.36 15.16
CA PHE A 8 -7.73 9.52 14.09
C PHE A 8 -6.73 9.64 12.94
N ASP A 9 -5.69 8.82 13.01
CA ASP A 9 -4.55 8.90 12.13
C ASP A 9 -4.46 7.67 11.21
N CYS A 10 -5.62 7.10 10.98
CA CYS A 10 -5.80 5.90 10.16
C CYS A 10 -4.85 4.77 10.56
N HIS A 11 -4.76 4.49 11.86
CA HIS A 11 -4.10 3.29 12.38
C HIS A 11 -2.57 3.39 12.43
N LEU A 12 -2.04 4.55 12.08
CA LEU A 12 -0.58 4.71 12.03
C LEU A 12 0.06 4.59 13.41
N SER A 13 -0.61 5.11 14.43
CA SER A 13 -0.06 5.07 15.79
C SER A 13 0.05 3.62 16.24
N ASP A 14 -1.00 2.86 15.97
CA ASP A 14 -0.97 1.43 16.22
C ASP A 14 0.14 0.74 15.44
N MET A 15 0.28 1.08 14.16
CA MET A 15 1.29 0.44 13.34
C MET A 15 2.66 0.71 13.93
N LEU A 16 2.85 1.96 14.35
CA LEU A 16 4.14 2.37 14.88
C LEU A 16 4.45 1.61 16.16
N GLN A 17 3.42 1.37 16.96
CA GLN A 17 3.58 0.65 18.21
C GLN A 17 4.01 -0.78 17.90
N GLN A 18 3.35 -1.38 16.91
CA GLN A 18 3.65 -2.74 16.49
C GLN A 18 5.07 -2.85 15.95
N LEU A 19 5.50 -1.83 15.22
CA LEU A 19 6.85 -1.84 14.63
C LEU A 19 7.92 -1.59 15.68
N HIS A 20 7.65 -0.70 16.63
CA HIS A 20 8.61 -0.47 17.70
C HIS A 20 8.89 -1.77 18.45
N SER A 21 7.82 -2.48 18.80
CA SER A 21 7.97 -3.66 19.65
C SER A 21 8.79 -4.74 18.96
N VAL A 22 8.52 -4.97 17.68
CA VAL A 22 9.24 -6.02 16.94
C VAL A 22 10.71 -5.64 16.74
N ASN A 23 10.95 -4.38 16.38
CA ASN A 23 12.32 -3.93 16.14
C ASN A 23 13.11 -3.89 17.43
N ALA A 24 12.42 -3.55 18.52
CA ALA A 24 13.02 -3.49 19.85
C ALA A 24 13.46 -4.87 20.32
N SER A 25 12.84 -5.91 19.75
CA SER A 25 13.14 -7.28 20.14
C SER A 25 14.39 -7.81 19.42
N LYS A 26 14.88 -7.06 18.43
CA LYS A 26 16.08 -7.46 17.68
C LYS A 26 15.97 -8.88 17.16
N PRO A 27 15.02 -9.11 16.25
CA PRO A 27 14.64 -10.43 15.73
C PRO A 27 15.71 -11.07 14.86
N SER A 28 16.68 -10.30 14.39
CA SER A 28 17.75 -10.86 13.54
C SER A 28 18.90 -11.44 14.35
N GLU A 29 18.89 -11.21 15.67
CA GLU A 29 19.99 -11.64 16.53
C GLU A 29 19.72 -12.93 17.30
N ARG A 30 18.47 -13.38 17.29
CA ARG A 30 18.07 -14.57 18.05
C ARG A 30 19.15 -15.62 18.20
N GLY A 31 19.77 -16.00 17.08
CA GLY A 31 20.63 -17.15 17.05
C GLY A 31 19.87 -18.33 16.49
N LEU A 32 18.94 -18.87 17.28
CA LEU A 32 18.05 -19.93 16.81
C LEU A 32 16.86 -19.29 16.11
N VAL A 33 16.98 -19.09 14.81
CA VAL A 33 15.97 -18.37 14.04
C VAL A 33 15.04 -19.32 13.29
N ARG A 34 13.74 -19.14 13.50
CA ARG A 34 12.73 -20.00 12.92
C ARG A 34 11.63 -19.12 12.31
N GLN A 35 12.00 -18.48 11.20
CA GLN A 35 11.13 -17.49 10.57
C GLN A 35 9.82 -18.08 10.10
N GLU A 36 9.86 -19.35 9.67
CA GLU A 36 8.67 -20.00 9.12
C GLU A 36 7.56 -20.15 10.15
N GLU A 37 7.91 -20.18 11.43
CA GLU A 37 6.93 -20.40 12.50
C GLU A 37 6.14 -19.14 12.80
N ALA A 38 6.44 -18.06 12.08
CA ALA A 38 5.76 -16.79 12.29
C ALA A 38 4.76 -16.52 11.17
N GLU A 39 4.70 -17.44 10.20
CA GLU A 39 3.76 -17.31 9.10
C GLU A 39 2.34 -17.56 9.58
N ASP A 40 1.39 -16.88 8.94
CA ASP A 40 -0.02 -17.06 9.25
C ASP A 40 -0.87 -16.63 8.05
N PRO A 41 -1.17 -17.57 7.15
CA PRO A 41 -1.97 -17.33 5.94
C PRO A 41 -3.38 -16.82 6.20
N ALA A 42 -3.77 -16.68 7.47
CA ALA A 42 -5.07 -16.11 7.81
C ALA A 42 -4.96 -14.60 7.92
N CYS A 43 -3.75 -14.07 7.72
CA CYS A 43 -3.52 -12.63 7.78
C CYS A 43 -3.13 -12.12 6.40
N ILE A 44 -3.27 -12.97 5.40
CA ILE A 44 -2.98 -12.59 4.02
C ILE A 44 -3.85 -11.39 3.69
N PRO A 45 -3.24 -10.33 3.14
CA PRO A 45 -4.04 -9.15 2.85
C PRO A 45 -4.98 -9.32 1.67
N ILE A 46 -6.05 -8.53 1.69
CA ILE A 46 -7.04 -8.52 0.63
C ILE A 46 -6.70 -7.47 -0.41
N PHE A 47 -6.17 -6.35 0.05
CA PHE A 47 -5.85 -5.25 -0.85
C PHE A 47 -4.37 -4.83 -0.76
N TRP A 48 -3.77 -4.61 -1.92
CA TRP A 48 -2.49 -3.94 -1.99
C TRP A 48 -2.37 -3.26 -3.35
N VAL A 49 -1.39 -2.38 -3.48
CA VAL A 49 -1.15 -1.69 -4.74
C VAL A 49 -0.32 -2.57 -5.69
N SER A 50 -0.89 -2.86 -6.84
CA SER A 50 -0.26 -3.79 -7.79
C SER A 50 0.56 -3.04 -8.84
N LYS A 51 0.18 -1.80 -9.13
CA LYS A 51 0.88 -0.95 -10.10
C LYS A 51 0.73 0.51 -9.67
N TRP A 52 1.69 1.33 -10.06
CA TRP A 52 1.58 2.76 -9.82
C TRP A 52 2.35 3.55 -10.87
N VAL A 53 1.87 4.76 -11.12
CA VAL A 53 2.51 5.70 -12.01
C VAL A 53 2.51 7.10 -11.41
N ASP A 54 3.71 7.67 -11.31
CA ASP A 54 3.86 8.96 -10.68
C ASP A 54 3.94 10.03 -11.73
N TYR A 55 2.89 10.83 -11.84
CA TYR A 55 2.85 11.95 -12.76
C TYR A 55 2.52 13.19 -11.95
N SER A 56 3.17 13.28 -10.79
CA SER A 56 2.82 14.28 -9.78
C SER A 56 3.21 15.70 -10.15
N ASP A 57 4.11 15.86 -11.10
CA ASP A 57 4.46 17.18 -11.57
C ASP A 57 3.22 17.89 -12.11
N LYS A 58 2.40 17.14 -12.86
CA LYS A 58 1.31 17.72 -13.62
C LYS A 58 -0.07 17.37 -13.07
N TYR A 59 -0.29 16.12 -12.69
CA TYR A 59 -1.65 15.63 -12.47
C TYR A 59 -1.86 14.94 -11.14
N GLY A 60 -1.02 13.96 -10.86
CA GLY A 60 -1.19 13.17 -9.65
C GLY A 60 -0.53 11.81 -9.77
N LEU A 61 -0.95 10.91 -8.88
CA LEU A 61 -0.39 9.58 -8.77
C LEU A 61 -1.49 8.60 -9.13
N GLY A 62 -1.27 7.80 -10.17
CA GLY A 62 -2.23 6.78 -10.57
C GLY A 62 -1.81 5.42 -10.08
N TYR A 63 -2.76 4.57 -9.76
CA TYR A 63 -2.42 3.28 -9.20
C TYR A 63 -3.49 2.24 -9.50
N GLN A 64 -3.10 0.98 -9.41
CA GLN A 64 -4.02 -0.11 -9.57
C GLN A 64 -3.94 -0.95 -8.31
N LEU A 65 -5.09 -1.36 -7.81
CA LEU A 65 -5.14 -2.30 -6.69
C LEU A 65 -5.21 -3.73 -7.20
N CYS A 66 -4.87 -4.69 -6.37
CA CYS A 66 -4.80 -6.08 -6.81
C CYS A 66 -6.17 -6.64 -7.29
N ASP A 67 -7.26 -5.95 -6.97
CA ASP A 67 -8.59 -6.38 -7.45
C ASP A 67 -8.89 -5.81 -8.83
N ASN A 68 -7.92 -5.09 -9.40
CA ASN A 68 -8.00 -4.52 -10.75
C ASN A 68 -8.74 -3.18 -10.81
N SER A 69 -9.18 -2.67 -9.66
CA SER A 69 -9.70 -1.30 -9.61
C SER A 69 -8.52 -0.36 -9.84
N VAL A 70 -8.81 0.83 -10.35
CA VAL A 70 -7.77 1.83 -10.54
C VAL A 70 -8.17 3.08 -9.80
N GLY A 71 -7.19 3.86 -9.39
CA GLY A 71 -7.48 5.12 -8.73
C GLY A 71 -6.43 6.15 -9.07
N VAL A 72 -6.79 7.40 -8.81
CA VAL A 72 -5.85 8.49 -8.90
C VAL A 72 -6.01 9.41 -7.71
N LEU A 73 -4.87 9.77 -7.12
CA LEU A 73 -4.81 10.83 -6.14
C LEU A 73 -4.29 12.09 -6.82
N PHE A 74 -5.20 13.00 -7.14
CA PHE A 74 -4.84 14.23 -7.85
C PHE A 74 -4.05 15.19 -6.96
N ASN A 75 -3.38 16.14 -7.59
CA ASN A 75 -2.62 17.16 -6.88
C ASN A 75 -3.52 18.11 -6.10
N ASP A 76 -4.79 18.20 -6.49
CA ASP A 76 -5.76 19.05 -5.77
C ASP A 76 -6.30 18.29 -4.56
N SER A 77 -5.78 17.09 -4.37
CA SER A 77 -6.05 16.26 -3.18
C SER A 77 -7.46 15.64 -3.17
N THR A 78 -8.06 15.54 -4.35
CA THR A 78 -9.26 14.72 -4.51
C THR A 78 -8.86 13.35 -5.05
N ARG A 79 -9.74 12.37 -4.93
CA ARG A 79 -9.45 11.04 -5.44
C ARG A 79 -10.59 10.53 -6.30
N LEU A 80 -10.23 9.87 -7.38
CA LEU A 80 -11.18 9.21 -8.22
C LEU A 80 -10.82 7.74 -8.34
N ILE A 81 -11.80 6.89 -8.08
CA ILE A 81 -11.62 5.46 -8.11
C ILE A 81 -12.56 4.87 -9.14
N LEU A 82 -12.00 4.04 -10.01
CA LEU A 82 -12.78 3.30 -10.98
C LEU A 82 -12.81 1.83 -10.54
N TYR A 83 -14.00 1.30 -10.28
CA TYR A 83 -14.11 -0.10 -9.84
C TYR A 83 -13.74 -1.05 -10.98
N ASN A 84 -13.55 -2.33 -10.67
CA ASN A 84 -13.07 -3.27 -11.68
C ASN A 84 -14.12 -3.61 -12.74
N ASP A 85 -15.35 -3.12 -12.59
CA ASP A 85 -16.36 -3.28 -13.64
C ASP A 85 -16.10 -2.34 -14.81
N GLY A 86 -15.16 -1.41 -14.65
CA GLY A 86 -14.83 -0.49 -15.71
C GLY A 86 -15.80 0.67 -15.89
N ASP A 87 -16.81 0.77 -15.01
CA ASP A 87 -17.83 1.81 -15.16
C ASP A 87 -18.19 2.57 -13.87
N SER A 88 -18.19 1.88 -12.73
CA SER A 88 -18.55 2.51 -11.47
C SER A 88 -17.40 3.34 -10.93
N LEU A 89 -17.73 4.55 -10.49
CA LEU A 89 -16.78 5.51 -9.97
C LEU A 89 -17.09 5.82 -8.52
N GLN A 90 -16.03 6.07 -7.75
CA GLN A 90 -16.15 6.63 -6.42
C GLN A 90 -15.32 7.88 -6.41
N TYR A 91 -15.92 9.00 -6.05
CA TYR A 91 -15.19 10.26 -6.01
C TYR A 91 -15.12 10.76 -4.57
N ILE A 92 -13.91 11.04 -4.12
CA ILE A 92 -13.67 11.53 -2.77
C ILE A 92 -13.17 12.96 -2.84
N GLU A 93 -14.03 13.90 -2.43
CA GLU A 93 -13.73 15.32 -2.54
C GLU A 93 -12.71 15.71 -1.47
N ARG A 94 -12.29 16.97 -1.47
CA ARG A 94 -11.27 17.45 -0.55
C ARG A 94 -11.59 17.14 0.92
N ASP A 95 -12.85 17.32 1.30
CA ASP A 95 -13.25 17.22 2.70
C ASP A 95 -13.55 15.78 3.17
N GLY A 96 -13.28 14.79 2.33
CA GLY A 96 -13.50 13.40 2.70
C GLY A 96 -14.88 12.90 2.29
N THR A 97 -15.73 13.82 1.86
CA THR A 97 -17.06 13.52 1.35
C THR A 97 -16.97 12.60 0.13
N GLU A 98 -17.68 11.47 0.17
CA GLU A 98 -17.65 10.50 -0.93
C GLU A 98 -18.96 10.51 -1.71
N SER A 99 -18.86 10.37 -3.02
CA SER A 99 -20.03 10.19 -3.86
C SER A 99 -19.76 9.14 -4.95
N TYR A 100 -20.83 8.62 -5.52
CA TYR A 100 -20.74 7.56 -6.52
C TYR A 100 -21.38 7.97 -7.81
N LEU A 101 -20.79 7.55 -8.91
CA LEU A 101 -21.28 7.87 -10.24
C LEU A 101 -20.89 6.77 -11.20
N THR A 102 -21.16 7.02 -12.47
CA THR A 102 -20.78 6.08 -13.50
C THR A 102 -20.16 6.82 -14.66
N VAL A 103 -19.23 6.16 -15.33
CA VAL A 103 -18.60 6.71 -16.50
C VAL A 103 -19.65 6.93 -17.58
N SER A 104 -20.57 5.98 -17.67
CA SER A 104 -21.54 5.92 -18.75
C SER A 104 -22.58 7.03 -18.65
N SER A 105 -22.68 7.67 -17.49
CA SER A 105 -23.61 8.78 -17.31
C SER A 105 -22.97 10.08 -17.82
N HIS A 106 -21.72 9.97 -18.24
CA HIS A 106 -20.97 11.08 -18.83
C HIS A 106 -21.24 12.41 -18.12
N PRO A 107 -20.87 12.48 -16.84
CA PRO A 107 -21.00 13.65 -15.97
C PRO A 107 -20.06 14.80 -16.37
N ASN A 108 -20.64 15.95 -16.66
CA ASN A 108 -19.86 17.13 -17.05
C ASN A 108 -18.79 17.43 -16.01
N SER A 109 -19.17 17.31 -14.74
CA SER A 109 -18.33 17.69 -13.63
C SER A 109 -16.96 17.02 -13.68
N LEU A 110 -16.93 15.71 -13.90
CA LEU A 110 -15.72 14.92 -13.74
C LEU A 110 -15.09 14.45 -15.05
N MET A 111 -15.55 15.04 -16.15
CA MET A 111 -15.08 14.63 -17.48
C MET A 111 -13.57 14.58 -17.58
N LYS A 112 -12.91 15.67 -17.16
CA LYS A 112 -11.47 15.77 -17.28
C LYS A 112 -10.76 14.75 -16.40
N LYS A 113 -11.24 14.58 -15.18
CA LYS A 113 -10.58 13.67 -14.25
C LYS A 113 -10.78 12.22 -14.63
N ILE A 114 -11.91 11.91 -15.24
CA ILE A 114 -12.16 10.55 -15.72
C ILE A 114 -11.24 10.25 -16.89
N THR A 115 -11.08 11.23 -17.77
CA THR A 115 -10.25 11.05 -18.95
C THR A 115 -8.81 10.76 -18.54
N LEU A 116 -8.34 11.49 -17.54
CA LEU A 116 -7.02 11.26 -16.99
C LEU A 116 -6.92 9.86 -16.37
N LEU A 117 -7.90 9.49 -15.57
CA LEU A 117 -7.84 8.18 -14.91
C LEU A 117 -7.72 7.13 -16.00
N LYS A 118 -8.46 7.31 -17.08
CA LYS A 118 -8.42 6.38 -18.19
C LYS A 118 -7.03 6.34 -18.83
N TYR A 119 -6.39 7.49 -18.95
CA TYR A 119 -5.03 7.53 -19.48
C TYR A 119 -4.09 6.72 -18.59
N PHE A 120 -4.21 6.91 -17.28
CA PHE A 120 -3.42 6.14 -16.33
C PHE A 120 -3.72 4.67 -16.49
N ARG A 121 -5.00 4.35 -16.53
CA ARG A 121 -5.46 2.96 -16.61
C ARG A 121 -4.78 2.27 -17.79
N ASN A 122 -4.80 2.92 -18.94
CA ASN A 122 -4.29 2.30 -20.17
C ASN A 122 -2.77 2.18 -20.16
N TYR A 123 -2.08 3.15 -19.58
CA TYR A 123 -0.64 3.07 -19.47
C TYR A 123 -0.25 1.86 -18.64
N MET A 124 -0.92 1.69 -17.50
CA MET A 124 -0.58 0.61 -16.58
C MET A 124 -0.83 -0.76 -17.22
N SER A 125 -1.92 -0.89 -17.97
CA SER A 125 -2.25 -2.17 -18.57
C SER A 125 -1.27 -2.55 -19.69
N GLU A 126 -0.67 -1.55 -20.32
CA GLU A 126 0.21 -1.83 -21.45
C GLU A 126 1.69 -1.91 -21.05
N HIS A 127 2.08 -1.20 -20.01
CA HIS A 127 3.53 -1.03 -19.75
C HIS A 127 4.01 -1.47 -18.37
N LEU A 128 3.10 -1.89 -17.52
CA LEU A 128 3.48 -2.32 -16.18
C LEU A 128 3.03 -3.72 -15.87
N LEU A 129 3.80 -4.39 -15.02
CA LEU A 129 3.46 -5.72 -14.55
C LEU A 129 2.75 -5.64 -13.20
N LYS A 130 1.90 -6.63 -12.94
CA LYS A 130 1.10 -6.64 -11.74
C LYS A 130 1.84 -7.27 -10.56
N ALA A 131 2.11 -6.49 -9.52
CA ALA A 131 2.78 -6.99 -8.33
C ALA A 131 1.85 -7.89 -7.50
N GLY A 132 2.38 -9.01 -7.03
CA GLY A 132 1.61 -9.95 -6.22
C GLY A 132 0.66 -10.77 -7.07
N ALA A 133 0.93 -10.84 -8.37
CA ALA A 133 0.01 -11.44 -9.34
C ALA A 133 -0.11 -12.94 -9.10
N ASN A 134 0.91 -13.52 -8.47
CA ASN A 134 0.99 -14.95 -8.29
C ASN A 134 0.26 -15.38 -7.03
N ILE A 135 -0.71 -14.57 -6.59
CA ILE A 135 -1.48 -14.91 -5.40
C ILE A 135 -2.89 -14.32 -5.41
N THR A 136 -3.80 -15.04 -4.78
CA THR A 136 -5.18 -14.61 -4.64
C THR A 136 -5.42 -14.01 -3.26
N ARG A 145 -14.37 -3.07 2.55
CA ARG A 145 -14.58 -1.92 1.69
C ARG A 145 -13.33 -1.65 0.85
N LEU A 146 -13.54 -1.20 -0.38
CA LEU A 146 -12.43 -0.89 -1.28
C LEU A 146 -11.73 0.39 -0.81
N PRO A 147 -10.45 0.28 -0.42
CA PRO A 147 -9.74 1.47 0.06
C PRO A 147 -9.26 2.39 -1.06
N TYR A 148 -9.00 3.64 -0.73
CA TYR A 148 -8.35 4.57 -1.65
C TYR A 148 -6.98 4.93 -1.10
N LEU A 149 -6.17 5.61 -1.91
CA LEU A 149 -4.85 6.02 -1.48
C LEU A 149 -4.96 7.31 -0.69
N ARG A 150 -4.61 7.24 0.59
CA ARG A 150 -4.75 8.38 1.49
C ARG A 150 -3.61 9.35 1.21
N THR A 151 -2.39 8.82 1.23
CA THR A 151 -1.25 9.63 0.86
C THR A 151 -0.11 8.74 0.43
N TRP A 152 0.93 9.36 -0.12
CA TRP A 152 2.11 8.64 -0.54
C TRP A 152 3.28 9.60 -0.54
N PHE A 153 4.49 9.06 -0.56
CA PHE A 153 5.67 9.86 -0.86
C PHE A 153 6.74 8.92 -1.31
N ARG A 154 7.82 9.45 -1.88
CA ARG A 154 8.91 8.59 -2.23
C ARG A 154 10.26 9.08 -1.72
N THR A 155 11.12 8.11 -1.42
CA THR A 155 12.49 8.39 -1.05
C THR A 155 13.37 7.92 -2.18
N ARG A 156 14.68 8.06 -1.98
CA ARG A 156 15.63 7.55 -2.93
C ARG A 156 15.52 6.04 -3.04
N SER A 157 15.00 5.41 -1.99
CA SER A 157 15.06 3.95 -1.86
C SER A 157 13.72 3.25 -2.04
N ALA A 158 12.62 4.00 -1.91
CA ALA A 158 11.31 3.37 -1.97
C ALA A 158 10.19 4.36 -2.16
N ILE A 159 9.01 3.82 -2.48
CA ILE A 159 7.80 4.60 -2.47
C ILE A 159 6.91 4.03 -1.37
N ILE A 160 6.32 4.94 -0.61
CA ILE A 160 5.49 4.59 0.53
C ILE A 160 4.06 4.96 0.20
N LEU A 161 3.16 3.99 0.34
CA LEU A 161 1.76 4.19 0.01
C LEU A 161 0.90 3.83 1.21
N HIS A 162 0.07 4.76 1.63
CA HIS A 162 -0.79 4.59 2.80
C HIS A 162 -2.24 4.52 2.33
N LEU A 163 -2.89 3.37 2.52
CA LEU A 163 -4.25 3.18 2.05
C LEU A 163 -5.22 3.55 3.16
N SER A 164 -6.46 3.85 2.78
CA SER A 164 -7.49 4.36 3.69
C SER A 164 -7.95 3.31 4.69
N ASN A 165 -7.59 2.06 4.45
CA ASN A 165 -7.89 0.97 5.38
C ASN A 165 -6.80 0.80 6.44
N GLY A 166 -5.81 1.68 6.44
CA GLY A 166 -4.76 1.65 7.44
C GLY A 166 -3.50 0.95 6.98
N SER A 167 -3.60 0.19 5.90
CA SER A 167 -2.45 -0.55 5.40
C SER A 167 -1.40 0.42 4.85
N VAL A 168 -0.13 0.06 5.03
CA VAL A 168 0.98 0.83 4.50
C VAL A 168 1.78 -0.10 3.64
N GLN A 169 2.04 0.29 2.40
CA GLN A 169 2.84 -0.52 1.51
C GLN A 169 4.12 0.21 1.19
N ILE A 170 5.24 -0.50 1.23
CA ILE A 170 6.51 0.09 0.89
C ILE A 170 7.16 -0.75 -0.19
N ASN A 171 7.42 -0.11 -1.33
CA ASN A 171 8.01 -0.78 -2.46
C ASN A 171 9.44 -0.31 -2.59
N PHE A 172 10.39 -1.22 -2.47
CA PHE A 172 11.81 -0.90 -2.57
C PHE A 172 12.26 -1.03 -4.04
N PHE A 173 12.80 0.05 -4.60
CA PHE A 173 13.07 0.15 -6.03
C PHE A 173 14.21 -0.76 -6.39
N GLN A 174 15.26 -0.60 -5.61
CA GLN A 174 16.48 -1.35 -5.72
C GLN A 174 16.30 -2.81 -6.13
N ASP A 175 15.68 -3.59 -5.25
CA ASP A 175 15.61 -5.03 -5.40
C ASP A 175 14.18 -5.53 -5.63
N HIS A 176 13.25 -4.59 -5.78
CA HIS A 176 11.86 -4.94 -6.09
C HIS A 176 11.16 -5.64 -4.94
N THR A 177 11.73 -5.58 -3.75
CA THR A 177 11.07 -6.18 -2.58
C THR A 177 9.96 -5.24 -2.13
N LYS A 178 8.98 -5.80 -1.42
CA LYS A 178 7.84 -5.01 -1.01
C LYS A 178 7.37 -5.48 0.35
N LEU A 179 6.87 -4.53 1.13
CA LEU A 179 6.28 -4.82 2.43
C LEU A 179 4.87 -4.30 2.39
N ILE A 180 3.92 -5.08 2.90
CA ILE A 180 2.57 -4.60 3.12
C ILE A 180 2.23 -4.82 4.58
N LEU A 181 2.07 -3.72 5.32
CA LEU A 181 1.81 -3.78 6.75
C LEU A 181 0.31 -3.61 6.98
N CYS A 182 -0.28 -4.52 7.74
CA CYS A 182 -1.70 -4.43 8.08
C CYS A 182 -1.88 -4.39 9.60
N PRO A 183 -2.16 -3.20 10.15
CA PRO A 183 -2.19 -2.95 11.59
C PRO A 183 -3.38 -3.61 12.27
N LEU A 184 -4.41 -3.91 11.51
CA LEU A 184 -5.62 -4.52 12.06
C LEU A 184 -5.34 -5.97 12.46
N MET A 185 -4.41 -6.58 11.75
CA MET A 185 -3.98 -7.95 12.02
C MET A 185 -2.62 -7.95 12.71
N ALA A 186 -2.03 -6.77 12.89
CA ALA A 186 -0.68 -6.69 13.39
C ALA A 186 0.16 -7.65 12.56
N ALA A 187 0.07 -7.52 11.23
CA ALA A 187 0.74 -8.44 10.33
C ALA A 187 1.56 -7.71 9.28
N VAL A 188 2.51 -8.41 8.68
CA VAL A 188 3.30 -7.88 7.57
C VAL A 188 3.42 -8.95 6.51
N THR A 189 3.26 -8.54 5.26
CA THR A 189 3.48 -9.42 4.13
C THR A 189 4.78 -8.97 3.47
N TYR A 190 5.65 -9.92 3.16
CA TYR A 190 6.91 -9.61 2.51
C TYR A 190 6.99 -10.27 1.15
N ILE A 191 7.24 -9.48 0.12
CA ILE A 191 7.47 -10.01 -1.22
C ILE A 191 8.95 -9.84 -1.54
N ASP A 192 9.67 -10.96 -1.64
CA ASP A 192 11.12 -10.94 -1.84
C ASP A 192 11.48 -10.76 -3.32
N GLU A 193 12.77 -10.76 -3.61
CA GLU A 193 13.24 -10.55 -4.98
C GLU A 193 12.80 -11.64 -5.96
N LYS A 194 12.53 -12.84 -5.44
CA LYS A 194 12.10 -13.96 -6.27
C LYS A 194 10.59 -13.94 -6.52
N ARG A 195 9.92 -12.89 -6.05
CA ARG A 195 8.47 -12.75 -6.16
C ARG A 195 7.72 -13.72 -5.24
N ASP A 196 8.44 -14.32 -4.31
CA ASP A 196 7.80 -15.15 -3.29
C ASP A 196 7.15 -14.28 -2.23
N PHE A 197 6.09 -14.80 -1.63
CA PHE A 197 5.11 -14.01 -0.93
C PHE A 197 4.86 -14.67 0.41
N ARG A 198 5.07 -13.94 1.50
CA ARG A 198 4.94 -14.54 2.83
C ARG A 198 4.36 -13.55 3.82
N THR A 199 3.43 -14.02 4.62
CA THR A 199 2.69 -13.17 5.52
C THR A 199 2.98 -13.59 6.95
N TYR A 200 3.36 -12.63 7.79
CA TYR A 200 3.82 -12.93 9.14
C TYR A 200 3.05 -12.16 10.18
N ARG A 201 2.86 -12.76 11.35
CA ARG A 201 2.39 -12.00 12.49
C ARG A 201 3.60 -11.35 13.15
N LEU A 202 3.51 -10.05 13.40
CA LEU A 202 4.65 -9.31 13.92
C LEU A 202 5.02 -9.82 15.32
N SER A 203 4.00 -10.17 16.10
CA SER A 203 4.23 -10.72 17.43
C SER A 203 5.09 -11.96 17.34
N LEU A 204 4.85 -12.78 16.32
CA LEU A 204 5.55 -14.04 16.18
C LEU A 204 6.97 -13.86 15.63
N LEU A 205 7.20 -12.75 14.94
CA LEU A 205 8.54 -12.41 14.49
C LEU A 205 9.39 -12.03 15.71
N GLU A 206 8.75 -11.38 16.68
CA GLU A 206 9.42 -11.06 17.93
C GLU A 206 9.85 -12.34 18.61
N GLU A 207 9.01 -13.37 18.51
CA GLU A 207 9.30 -14.64 19.18
C GLU A 207 10.34 -15.46 18.41
N TYR A 208 10.04 -15.76 17.15
CA TYR A 208 10.88 -16.70 16.40
C TYR A 208 12.02 -16.04 15.64
N GLY A 209 11.99 -14.72 15.49
CA GLY A 209 13.06 -13.99 14.84
C GLY A 209 12.97 -14.01 13.32
N CYS A 210 13.92 -13.37 12.65
CA CYS A 210 13.91 -13.33 11.18
C CYS A 210 15.29 -13.03 10.62
N CYS A 211 15.40 -13.01 9.29
CA CYS A 211 16.66 -12.70 8.61
C CYS A 211 16.99 -11.22 8.69
N LYS A 212 18.26 -10.89 8.47
CA LYS A 212 18.73 -9.51 8.51
C LYS A 212 17.98 -8.65 7.51
N GLU A 213 17.57 -9.25 6.39
CA GLU A 213 16.92 -8.49 5.32
C GLU A 213 15.53 -7.99 5.72
N LEU A 214 14.70 -8.88 6.24
CA LEU A 214 13.37 -8.48 6.66
C LEU A 214 13.46 -7.54 7.87
N ALA A 215 14.38 -7.83 8.77
CA ALA A 215 14.56 -6.96 9.93
C ALA A 215 14.93 -5.56 9.50
N SER A 216 15.87 -5.44 8.55
CA SER A 216 16.32 -4.13 8.11
C SER A 216 15.15 -3.33 7.50
N ARG A 217 14.30 -4.01 6.75
CA ARG A 217 13.20 -3.34 6.10
C ARG A 217 12.12 -2.93 7.09
N LEU A 218 11.99 -3.66 8.19
CA LEU A 218 11.05 -3.30 9.24
C LEU A 218 11.54 -2.09 10.01
N ARG A 219 12.85 -1.96 10.16
CA ARG A 219 13.42 -0.75 10.77
C ARG A 219 13.16 0.43 9.87
N TYR A 220 13.34 0.23 8.56
CA TYR A 220 13.09 1.28 7.60
C TYR A 220 11.61 1.67 7.61
N ALA A 221 10.73 0.68 7.76
CA ALA A 221 9.29 0.91 7.79
C ALA A 221 8.88 1.78 8.99
N ARG A 222 9.49 1.53 10.15
CA ARG A 222 9.17 2.32 11.34
C ARG A 222 9.41 3.78 11.03
N THR A 223 10.56 4.05 10.43
CA THR A 223 10.97 5.40 10.10
C THR A 223 9.99 6.05 9.12
N MET A 224 9.50 5.27 8.16
CA MET A 224 8.57 5.80 7.16
C MET A 224 7.21 6.09 7.79
N VAL A 225 6.81 5.28 8.76
CA VAL A 225 5.56 5.50 9.46
C VAL A 225 5.66 6.76 10.30
N ASP A 226 6.84 7.00 10.86
CA ASP A 226 7.10 8.23 11.59
C ASP A 226 6.90 9.44 10.69
N LYS A 227 7.49 9.39 9.49
CA LYS A 227 7.34 10.48 8.53
C LYS A 227 5.88 10.70 8.15
N LEU A 228 5.12 9.63 8.02
CA LEU A 228 3.69 9.77 7.72
C LEU A 228 2.95 10.46 8.86
N LEU A 229 3.32 10.12 10.09
CA LEU A 229 2.69 10.70 11.28
C LEU A 229 3.09 12.16 11.48
N SER A 230 4.26 12.51 10.98
CA SER A 230 4.83 13.85 11.16
C SER A 230 4.26 14.85 10.16
N SER A 231 3.48 14.36 9.20
CA SER A 231 3.05 15.18 8.08
C SER A 231 1.53 15.17 7.90
N ARG A 232 0.81 14.92 8.98
CA ARG A 232 -0.64 15.08 8.96
C ARG A 232 -1.00 16.56 8.89
OAB Z24 B . -0.22 14.12 -19.83
CAL Z24 B . -0.96 13.77 -20.92
CAI Z24 B . -1.95 14.81 -21.24
CAP Z24 B . -3.12 14.06 -21.76
CAK Z24 B . -3.50 14.52 -23.11
OAC Z24 B . -3.97 13.70 -23.95
OAA Z24 B . -3.38 15.73 -23.42
CAJ Z24 B . -2.67 12.65 -21.79
NAQ Z24 B . -1.73 12.57 -20.71
CAO Z24 B . -1.35 11.35 -20.00
CAN Z24 B . -1.11 10.18 -20.71
FAE Z24 B . -1.22 10.16 -22.03
CAH Z24 B . -0.76 9.01 -20.05
CAM Z24 B . -0.66 9.00 -18.66
FAD Z24 B . -0.32 7.88 -18.01
CAF Z24 B . -0.90 10.16 -17.95
CAG Z24 B . -1.25 11.34 -18.61
HAB1 Z24 B . 0.35 14.76 -20.04
HAL1 Z24 B . -0.37 13.64 -21.68
HAI1 Z24 B . -2.20 15.29 -20.43
HAI2 Z24 B . -1.61 15.41 -21.92
HAP1 Z24 B . -3.87 14.15 -21.14
HAJ2 Z24 B . -2.24 12.45 -22.64
HAJ1 Z24 B . -3.41 12.05 -21.64
HAH1 Z24 B . -0.59 8.20 -20.55
HAF1 Z24 B . -0.82 10.16 -16.97
HAG1 Z24 B . -1.42 12.15 -18.10
#